data_8QB0
#
_entry.id   8QB0
#
_cell.length_a   60.544
_cell.length_b   60.544
_cell.length_c   63.263
_cell.angle_alpha   90.00
_cell.angle_beta   90.00
_cell.angle_gamma   120.00
#
_symmetry.space_group_name_H-M   'P 32 2 1'
#
loop_
_entity.id
_entity.type
_entity.pdbx_description
1 polymer Peregrin
2 non-polymer 2-[4-(3,6,6-trimethyl-4-oxidanylidene-5,7-dihydro-2~{H}-isoindol-1-yl)-1,3-thiazol-2-yl]guanidine
3 non-polymer 'NITRATE ION'
4 water water
#
_entity_poly.entity_id   1
_entity_poly.type   'polypeptide(L)'
_entity_poly.pdbx_seq_one_letter_code
;SMEMQLTPFLILLRKTLEQLQEKDTGNIFSEPVPLSEVPDYLDHIKKPMDFFTMKQNLEAYRYLNFDDFEEDFNLIVSNC
LKYNAKDTIFYRAAVRLREQGGAVLRQARRQAEKMG
;
_entity_poly.pdbx_strand_id   A
#
loop_
_chem_comp.id
_chem_comp.type
_chem_comp.name
_chem_comp.formula
NO3 non-polymer 'NITRATE ION' 'N O3 -1'
Q9U non-polymer 2-[4-(3,6,6-trimethyl-4-oxidanylidene-5,7-dihydro-2~{H}-isoindol-1-yl)-1,3-thiazol-2-yl]guanidine 'C15 H19 N5 O S'
#
# COMPACT_ATOMS: atom_id res chain seq x y z
N GLU A 3 9.08 17.20 11.09
CA GLU A 3 9.23 18.27 12.07
C GLU A 3 8.64 17.84 13.42
N MET A 4 8.73 16.54 13.68
CA MET A 4 8.21 15.94 14.89
C MET A 4 9.22 14.87 15.33
N GLN A 5 8.94 14.11 16.41
CA GLN A 5 9.78 12.99 16.90
C GLN A 5 9.54 11.77 15.98
N LEU A 6 10.57 10.99 15.68
CA LEU A 6 10.51 9.82 14.82
C LEU A 6 9.57 8.76 15.43
N THR A 7 9.87 8.29 16.64
CA THR A 7 9.22 7.10 17.17
C THR A 7 7.69 7.16 17.13
N PRO A 8 7.04 8.25 17.54
CA PRO A 8 5.57 8.33 17.41
C PRO A 8 5.07 8.25 15.98
N PHE A 9 5.69 9.03 15.09
CA PHE A 9 5.33 8.97 13.68
C PHE A 9 5.35 7.53 13.18
N LEU A 10 6.40 6.77 13.50
CA LEU A 10 6.48 5.40 13.05
C LEU A 10 5.41 4.53 13.69
N ILE A 11 5.11 4.76 14.96
CA ILE A 11 3.98 4.08 15.60
C ILE A 11 2.72 4.31 14.78
N LEU A 12 2.45 5.56 14.42
CA LEU A 12 1.28 5.86 13.60
C LEU A 12 1.35 5.13 12.25
N LEU A 13 2.50 5.12 11.59
CA LEU A 13 2.57 4.44 10.30
C LEU A 13 2.37 2.93 10.43
N ARG A 14 2.88 2.32 11.52
CA ARG A 14 2.66 0.89 11.72
C ARG A 14 1.19 0.61 11.89
N LYS A 15 0.50 1.44 12.67
CA LYS A 15 -0.93 1.22 12.89
C LYS A 15 -1.71 1.46 11.61
N THR A 16 -1.35 2.50 10.85
CA THR A 16 -2.00 2.75 9.58
C THR A 16 -1.80 1.59 8.60
N LEU A 17 -0.58 1.05 8.54
CA LEU A 17 -0.29 -0.06 7.63
C LEU A 17 -1.11 -1.28 8.02
N GLU A 18 -1.27 -1.52 9.33
CA GLU A 18 -2.12 -2.63 9.77
C GLU A 18 -3.57 -2.40 9.34
N GLN A 19 -4.08 -1.18 9.49
CA GLN A 19 -5.45 -0.89 9.07
C GLN A 19 -5.63 -1.07 7.57
N LEU A 20 -4.63 -0.70 6.77
CA LEU A 20 -4.72 -0.90 5.33
C LEU A 20 -4.70 -2.38 5.00
N GLN A 21 -3.80 -3.14 5.62
CA GLN A 21 -3.72 -4.57 5.36
C GLN A 21 -5.03 -5.25 5.70
N GLU A 22 -5.72 -4.78 6.75
CA GLU A 22 -7.01 -5.34 7.14
C GLU A 22 -8.04 -5.22 6.02
N LYS A 23 -7.89 -4.23 5.15
CA LYS A 23 -8.81 -4.05 4.03
C LYS A 23 -8.55 -5.06 2.92
N ASP A 24 -7.37 -5.66 2.89
CA ASP A 24 -7.04 -6.61 1.85
C ASP A 24 -7.48 -7.98 2.36
N THR A 25 -8.80 -8.21 2.31
CA THR A 25 -9.32 -9.39 2.98
C THR A 25 -8.94 -10.67 2.24
N GLY A 26 -8.69 -10.57 0.93
CA GLY A 26 -8.28 -11.71 0.16
C GLY A 26 -6.79 -11.98 0.18
N ASN A 27 -6.02 -11.15 0.88
CA ASN A 27 -4.56 -11.27 0.94
C ASN A 27 -3.93 -11.42 -0.44
N ILE A 28 -4.33 -10.55 -1.35
CA ILE A 28 -3.72 -10.49 -2.67
C ILE A 28 -2.72 -9.36 -2.78
N PHE A 29 -2.68 -8.44 -1.82
CA PHE A 29 -1.77 -7.31 -1.83
C PHE A 29 -0.74 -7.41 -0.73
N SER A 30 -0.68 -8.52 -0.02
CA SER A 30 0.11 -8.52 1.21
CA SER A 30 0.06 -8.67 1.24
C SER A 30 1.52 -9.06 1.04
N GLU A 31 1.85 -9.63 -0.11
CA GLU A 31 3.19 -10.09 -0.43
C GLU A 31 3.41 -9.76 -1.90
N PRO A 32 4.66 -9.62 -2.33
CA PRO A 32 4.92 -9.31 -3.74
C PRO A 32 4.15 -10.26 -4.65
N VAL A 33 3.70 -9.72 -5.78
CA VAL A 33 3.18 -10.56 -6.85
C VAL A 33 4.23 -11.63 -7.15
N PRO A 34 3.86 -12.92 -7.17
CA PRO A 34 4.86 -13.96 -7.42
C PRO A 34 5.29 -13.98 -8.88
N LEU A 35 6.45 -13.38 -9.17
CA LEU A 35 6.88 -13.26 -10.56
C LEU A 35 7.13 -14.62 -11.19
N SER A 36 7.33 -15.66 -10.38
CA SER A 36 7.45 -17.02 -10.91
C SER A 36 6.12 -17.51 -11.49
N GLU A 37 5.00 -17.05 -10.93
CA GLU A 37 3.69 -17.43 -11.43
C GLU A 37 3.16 -16.50 -12.51
N VAL A 38 3.67 -15.27 -12.59
CA VAL A 38 3.20 -14.28 -13.58
C VAL A 38 4.40 -13.70 -14.31
N PRO A 39 4.83 -14.30 -15.42
CA PRO A 39 6.09 -13.90 -16.05
C PRO A 39 6.06 -12.59 -16.82
N ASP A 40 4.90 -12.16 -17.31
CA ASP A 40 4.81 -10.91 -18.05
C ASP A 40 4.60 -9.71 -17.14
N TYR A 41 4.73 -9.87 -15.82
CA TYR A 41 4.28 -8.82 -14.90
C TYR A 41 5.10 -7.54 -15.06
N LEU A 42 6.40 -7.66 -15.25
CA LEU A 42 7.25 -6.47 -15.31
C LEU A 42 7.31 -5.80 -16.68
N ASP A 43 6.66 -6.36 -17.70
CA ASP A 43 6.59 -5.68 -18.98
C ASP A 43 5.73 -4.43 -18.93
N HIS A 44 4.86 -4.31 -17.92
CA HIS A 44 4.01 -3.15 -17.74
C HIS A 44 4.21 -2.47 -16.40
N ILE A 45 4.65 -3.20 -15.37
CA ILE A 45 4.73 -2.68 -14.01
C ILE A 45 6.19 -2.33 -13.73
N LYS A 46 6.48 -1.04 -13.63
CA LYS A 46 7.86 -0.61 -13.41
C LYS A 46 8.30 -0.75 -11.96
N LYS A 47 7.37 -0.61 -11.01
CA LYS A 47 7.73 -0.67 -9.60
C LYS A 47 6.67 -1.47 -8.87
N PRO A 48 6.87 -2.77 -8.73
CA PRO A 48 5.95 -3.58 -7.93
C PRO A 48 5.92 -3.09 -6.49
N MET A 49 4.77 -3.27 -5.84
CA MET A 49 4.65 -2.90 -4.44
C MET A 49 3.60 -3.78 -3.76
N ASP A 50 3.75 -3.93 -2.44
CA ASP A 50 2.89 -4.78 -1.63
C ASP A 50 3.07 -4.41 -0.17
N PHE A 51 2.16 -4.90 0.69
CA PHE A 51 2.21 -4.48 2.09
C PHE A 51 3.40 -5.04 2.86
N PHE A 52 3.91 -6.23 2.51
CA PHE A 52 5.10 -6.72 3.20
C PHE A 52 6.31 -5.85 2.89
N THR A 53 6.50 -5.49 1.62
CA THR A 53 7.59 -4.59 1.27
C THR A 53 7.42 -3.25 1.99
N MET A 54 6.19 -2.77 2.11
CA MET A 54 5.95 -1.52 2.82
C MET A 54 6.36 -1.64 4.28
N LYS A 55 6.08 -2.79 4.89
CA LYS A 55 6.53 -3.04 6.25
C LYS A 55 8.05 -2.98 6.34
N GLN A 56 8.74 -3.63 5.41
N GLN A 56 8.74 -3.64 5.41
CA GLN A 56 10.21 -3.62 5.44
CA GLN A 56 10.20 -3.62 5.41
C GLN A 56 10.73 -2.20 5.25
C GLN A 56 10.72 -2.20 5.25
N ASN A 57 10.11 -1.43 4.34
CA ASN A 57 10.55 -0.05 4.13
C ASN A 57 10.31 0.78 5.38
N LEU A 58 9.18 0.56 6.04
CA LEU A 58 8.86 1.32 7.24
C LEU A 58 9.93 1.09 8.30
N GLU A 59 10.27 -0.18 8.53
CA GLU A 59 11.21 -0.53 9.60
C GLU A 59 12.64 -0.20 9.23
N ALA A 60 12.96 -0.04 7.93
CA ALA A 60 14.25 0.46 7.50
C ALA A 60 14.33 1.99 7.53
N TYR A 61 13.33 2.67 8.07
CA TYR A 61 13.34 4.13 8.18
C TYR A 61 13.26 4.81 6.81
N ARG A 62 12.60 4.15 5.84
CA ARG A 62 12.50 4.68 4.49
C ARG A 62 11.28 5.56 4.28
N TYR A 63 10.33 5.60 5.24
CA TYR A 63 9.19 6.51 5.22
C TYR A 63 9.35 7.52 6.34
N LEU A 64 9.72 8.75 5.99
CA LEU A 64 9.92 9.79 7.01
C LEU A 64 8.90 10.91 6.87
N ASN A 65 7.92 10.74 6.00
CA ASN A 65 6.81 11.68 5.90
C ASN A 65 5.64 10.88 5.34
N PHE A 66 4.45 11.45 5.47
CA PHE A 66 3.27 10.69 5.12
C PHE A 66 3.17 10.48 3.63
N ASP A 67 3.66 11.44 2.85
CA ASP A 67 3.54 11.34 1.41
C ASP A 67 4.31 10.16 0.86
N ASP A 68 5.48 9.86 1.41
CA ASP A 68 6.30 8.74 0.93
C ASP A 68 5.57 7.41 1.21
N PHE A 69 4.92 7.31 2.37
CA PHE A 69 4.12 6.14 2.72
C PHE A 69 2.93 6.02 1.77
N GLU A 70 2.18 7.11 1.61
CA GLU A 70 0.99 7.09 0.77
C GLU A 70 1.35 6.80 -0.68
N GLU A 71 2.53 7.24 -1.14
CA GLU A 71 2.95 6.95 -2.52
C GLU A 71 3.05 5.44 -2.76
N ASP A 72 3.62 4.69 -1.81
CA ASP A 72 3.76 3.25 -2.04
C ASP A 72 2.42 2.56 -1.96
N PHE A 73 1.55 3.00 -1.04
CA PHE A 73 0.18 2.46 -1.06
C PHE A 73 -0.48 2.68 -2.42
N ASN A 74 -0.35 3.90 -2.96
CA ASN A 74 -0.98 4.21 -4.23
C ASN A 74 -0.45 3.34 -5.35
N LEU A 75 0.82 2.93 -5.25
CA LEU A 75 1.39 2.01 -6.23
C LEU A 75 0.73 0.64 -6.17
N ILE A 76 0.43 0.13 -4.98
CA ILE A 76 -0.27 -1.14 -4.88
C ILE A 76 -1.57 -1.08 -5.68
N VAL A 77 -2.33 0.01 -5.50
CA VAL A 77 -3.60 0.18 -6.19
C VAL A 77 -3.38 0.35 -7.70
N SER A 78 -2.52 1.29 -8.09
CA SER A 78 -2.40 1.64 -9.51
CA SER A 78 -2.40 1.64 -9.51
C SER A 78 -1.77 0.52 -10.32
N ASN A 79 -0.86 -0.24 -9.72
CA ASN A 79 -0.28 -1.38 -10.45
C ASN A 79 -1.36 -2.39 -10.80
N CYS A 80 -2.27 -2.63 -9.87
CA CYS A 80 -3.32 -3.62 -10.08
C CYS A 80 -4.36 -3.10 -11.08
N LEU A 81 -4.71 -1.82 -11.00
CA LEU A 81 -5.60 -1.25 -11.99
C LEU A 81 -4.97 -1.36 -13.38
N LYS A 82 -3.66 -1.12 -13.47
CA LYS A 82 -2.98 -1.13 -14.75
C LYS A 82 -2.95 -2.54 -15.35
N TYR A 83 -2.56 -3.53 -14.55
CA TYR A 83 -2.28 -4.85 -15.09
C TYR A 83 -3.55 -5.59 -15.52
N ASN A 84 -4.65 -5.41 -14.78
CA ASN A 84 -5.84 -6.26 -14.90
C ASN A 84 -6.98 -5.59 -15.67
N ALA A 85 -7.73 -6.40 -16.39
CA ALA A 85 -8.89 -5.89 -17.09
C ALA A 85 -9.95 -5.47 -16.07
N LYS A 86 -10.81 -4.54 -16.47
CA LYS A 86 -11.84 -4.01 -15.59
C LYS A 86 -12.78 -5.10 -15.10
N ASP A 87 -13.06 -6.11 -15.91
CA ASP A 87 -14.04 -7.11 -15.52
C ASP A 87 -13.46 -8.23 -14.67
N THR A 88 -12.46 -7.97 -13.86
CA THR A 88 -11.81 -8.99 -13.06
C THR A 88 -11.97 -8.68 -11.58
N ILE A 89 -11.85 -9.75 -10.80
CA ILE A 89 -11.85 -9.61 -9.35
C ILE A 89 -10.69 -8.71 -8.92
N PHE A 90 -9.52 -8.89 -9.53
CA PHE A 90 -8.35 -8.11 -9.14
C PHE A 90 -8.60 -6.63 -9.34
N TYR A 91 -9.12 -6.22 -10.50
CA TYR A 91 -9.36 -4.79 -10.72
C TYR A 91 -10.34 -4.24 -9.70
N ARG A 92 -11.44 -4.97 -9.58
CA ARG A 92 -12.43 -4.57 -8.54
CA ARG A 92 -12.45 -4.60 -8.54
C ARG A 92 -11.93 -4.45 -7.05
N ALA A 93 -10.99 -5.36 -6.75
CA ALA A 93 -10.34 -5.34 -5.44
C ALA A 93 -9.48 -4.11 -5.28
N ALA A 94 -8.80 -3.68 -6.35
CA ALA A 94 -8.00 -2.47 -6.25
C ALA A 94 -8.88 -1.22 -6.09
N VAL A 95 -10.00 -1.14 -6.79
CA VAL A 95 -10.94 -0.03 -6.60
C VAL A 95 -11.41 -0.02 -5.14
N ARG A 96 -11.79 -1.18 -4.61
CA ARG A 96 -12.23 -1.24 -3.22
C ARG A 96 -11.13 -0.79 -2.28
N LEU A 97 -9.90 -1.23 -2.52
CA LEU A 97 -8.80 -0.85 -1.65
C LEU A 97 -8.54 0.65 -1.74
N ARG A 98 -8.65 1.22 -2.94
CA ARG A 98 -8.48 2.66 -3.09
C ARG A 98 -9.50 3.41 -2.26
N GLU A 99 -10.73 2.95 -2.28
CA GLU A 99 -11.81 3.62 -1.54
C GLU A 99 -11.63 3.42 -0.03
N GLN A 100 -11.50 2.17 0.40
CA GLN A 100 -11.43 1.92 1.84
C GLN A 100 -10.10 2.39 2.40
N GLY A 101 -9.01 2.18 1.66
CA GLY A 101 -7.71 2.64 2.12
C GLY A 101 -7.56 4.14 2.12
N GLY A 102 -8.17 4.83 1.16
CA GLY A 102 -8.12 6.28 1.16
C GLY A 102 -8.68 6.89 2.44
N ALA A 103 -9.76 6.32 2.94
CA ALA A 103 -10.34 6.82 4.18
C ALA A 103 -9.41 6.56 5.37
N VAL A 104 -8.78 5.38 5.43
CA VAL A 104 -7.81 5.12 6.49
C VAL A 104 -6.71 6.16 6.44
N LEU A 105 -6.24 6.49 5.24
CA LEU A 105 -5.08 7.35 5.11
C LEU A 105 -5.37 8.78 5.54
N ARG A 106 -6.53 9.30 5.15
CA ARG A 106 -6.91 10.65 5.55
C ARG A 106 -6.93 10.78 7.07
N GLN A 107 -7.54 9.80 7.74
CA GLN A 107 -7.64 9.79 9.22
C GLN A 107 -6.23 9.82 9.80
N ALA A 108 -5.33 8.97 9.31
CA ALA A 108 -3.96 8.90 9.81
C ALA A 108 -3.22 10.19 9.55
N ARG A 109 -3.46 10.83 8.40
CA ARG A 109 -2.77 12.08 8.11
C ARG A 109 -3.15 13.15 9.14
N ARG A 110 -4.42 13.19 9.52
CA ARG A 110 -4.86 14.13 10.55
C ARG A 110 -4.07 13.95 11.84
N GLN A 111 -3.97 12.70 12.30
CA GLN A 111 -3.27 12.36 13.55
C GLN A 111 -1.80 12.76 13.43
N ALA A 112 -1.25 12.78 12.22
CA ALA A 112 0.13 13.21 12.02
C ALA A 112 0.27 14.72 12.17
N GLU A 113 -0.71 15.48 11.67
CA GLU A 113 -0.62 16.94 11.74
C GLU A 113 -0.49 17.42 13.18
N LYS A 114 -0.98 16.62 14.13
CA LYS A 114 -0.97 16.94 15.57
C LYS A 114 0.33 16.50 16.25
N MET A 115 1.34 16.01 15.51
CA MET A 115 2.56 15.52 16.14
C MET A 115 3.64 16.60 16.18
C10 Q9U B . -0.86 -16.47 -8.24
C14 Q9U B . -1.80 -10.89 -8.43
C17 Q9U B . -2.34 -11.88 -12.20
C18 Q9U B . -0.51 -10.40 -11.34
C19 Q9U B . -2.86 -9.81 -10.94
C20 Q9U B . -2.53 -8.90 -9.82
C01 Q9U B . -2.31 -7.56 -6.73
C02 Q9U B . -2.04 -9.00 -7.20
C04 Q9U B . -1.49 -11.16 -7.10
C05 Q9U B . -1.13 -12.49 -6.50
C06 Q9U B . -0.89 -12.74 -5.12
C08 Q9U B . -0.77 -14.80 -6.48
C15 Q9U B . -1.82 -11.81 -9.74
C16 Q9U B . -1.91 -10.97 -11.03
C22 Q9U B . -2.14 -9.52 -8.49
N03 Q9U B . -1.67 -10.00 -6.38
N09 Q9U B . -0.64 -16.13 -7.03
N11 Q9U B . -1.29 -15.58 -9.31
N12 Q9U B . -0.69 -17.86 -8.63
N13 Q9U B . -1.07 -13.72 -7.28
O21 Q9U B . -2.59 -7.71 -9.90
S07 Q9U B . -0.61 -14.31 -4.92
H172 Q9U B . -2.35 -11.36 -13.02
H171 Q9U B . -3.22 -12.23 -12.02
H173 Q9U B . -1.72 -12.62 -12.28
H183 Q9U B . -0.54 -9.87 -12.14
H181 Q9U B . 0.11 -11.14 -11.45
H182 Q9U B . -0.22 -9.85 -10.58
H192 Q9U B . -2.79 -9.31 -11.76
H191 Q9U B . -3.74 -10.17 -10.77
H013 Q9U B . -2.65 -7.04 -7.48
H012 Q9U B . -1.49 -7.18 -6.40
H011 Q9U B . -2.97 -7.57 -6.03
H061 Q9U B . -0.89 -12.10 -4.44
H151 Q9U B . -1.01 -12.33 -9.77
H152 Q9U B . -2.58 -12.39 -9.70
H031 Q9U B . -1.54 -9.93 -5.53
H112 Q9U B . -1.41 -14.74 -9.14
H111 Q9U B . -1.41 -15.89 -10.09
H121 Q9U B . -0.83 -18.10 -9.44
H122 Q9U B . -0.44 -18.44 -8.04
N NO3 C . -11.95 2.94 -11.56
O1 NO3 C . -12.51 2.29 -12.50
O2 NO3 C . -10.73 2.73 -11.30
O3 NO3 C . -12.60 3.83 -10.88
#